data_5YUO
#
_entry.id   5YUO
#
_cell.length_a   102.208
_cell.length_b   64.104
_cell.length_c   97.103
_cell.angle_alpha   90.00
_cell.angle_beta   112.96
_cell.angle_gamma   90.00
#
_symmetry.space_group_name_H-M   'C 1 2 1'
#
loop_
_entity.id
_entity.type
_entity.pdbx_description
1 polymer 'Single-stranded DNA-binding protein'
2 non-polymer GLYCEROL
3 water water
#
_entity_poly.entity_id   1
_entity_poly.type   'polypeptide(L)'
_entity_poly.pdbx_seq_one_letter_code
;MARGVNKVILVGNVGGDPETRYMPNGNAVTNITLATSESWKDKQTGQQQERTEWHRVVFFGRLAEIAGEYLRKGSQVYVE
GSLRTRKWQGQDGQDRYTTEIVVDINGNMQLLGGRHHHHHH
;
_entity_poly.pdbx_strand_id   A,B,C,D
#
# COMPACT_ATOMS: atom_id res chain seq x y z
N GLY A 4 -0.12 -15.71 2.51
CA GLY A 4 0.52 -14.41 2.55
C GLY A 4 -0.38 -13.25 2.14
N VAL A 5 0.21 -12.27 1.47
CA VAL A 5 -0.42 -11.00 1.12
C VAL A 5 -0.20 -10.80 -0.37
N ASN A 6 -1.25 -10.40 -1.09
CA ASN A 6 -1.17 -10.23 -2.53
C ASN A 6 -1.99 -8.98 -2.83
N LYS A 7 -1.33 -7.84 -2.97
CA LYS A 7 -2.06 -6.59 -3.07
C LYS A 7 -1.43 -5.70 -4.12
N VAL A 8 -2.28 -5.15 -4.99
CA VAL A 8 -1.92 -4.24 -6.06
C VAL A 8 -2.70 -2.96 -5.87
N ILE A 9 -2.04 -1.81 -5.98
CA ILE A 9 -2.68 -0.51 -5.90
C ILE A 9 -2.29 0.26 -7.14
N LEU A 10 -3.29 0.66 -7.95
CA LEU A 10 -3.07 1.40 -9.19
C LEU A 10 -3.85 2.71 -9.16
N VAL A 11 -3.21 3.77 -9.63
CA VAL A 11 -3.88 4.97 -10.09
C VAL A 11 -3.49 5.17 -11.55
N GLY A 12 -4.48 5.27 -12.43
CA GLY A 12 -4.16 5.43 -13.84
C GLY A 12 -5.39 5.79 -14.65
N ASN A 13 -5.27 5.69 -15.97
CA ASN A 13 -6.33 6.09 -16.90
C ASN A 13 -6.87 4.88 -17.65
N VAL A 14 -8.20 4.80 -17.75
CA VAL A 14 -8.83 3.69 -18.45
C VAL A 14 -8.43 3.75 -19.92
N GLY A 15 -7.92 2.63 -20.44
CA GLY A 15 -7.34 2.63 -21.76
C GLY A 15 -8.35 2.61 -22.89
N GLY A 16 -9.52 2.04 -22.64
CA GLY A 16 -10.60 2.00 -23.61
C GLY A 16 -11.90 1.78 -22.87
N ASP A 17 -12.98 1.72 -23.64
CA ASP A 17 -14.29 1.53 -23.02
C ASP A 17 -14.37 0.13 -22.43
N PRO A 18 -14.89 -0.03 -21.21
CA PRO A 18 -14.89 -1.35 -20.57
C PRO A 18 -15.62 -2.38 -21.42
N GLU A 19 -15.18 -3.64 -21.27
CA GLU A 19 -15.88 -4.79 -21.82
C GLU A 19 -16.59 -5.49 -20.68
N THR A 20 -17.92 -5.62 -20.77
CA THR A 20 -18.68 -6.33 -19.75
C THR A 20 -19.28 -7.58 -20.35
N ARG A 21 -19.14 -8.69 -19.64
CA ARG A 21 -19.76 -9.96 -20.00
C ARG A 21 -20.41 -10.52 -18.73
N TYR A 22 -21.15 -11.60 -18.90
CA TYR A 22 -21.85 -12.23 -17.80
C TYR A 22 -21.53 -13.72 -17.79
N MET A 23 -21.26 -14.25 -16.60
CA MET A 23 -20.95 -15.66 -16.44
C MET A 23 -22.23 -16.46 -16.29
N PRO A 24 -22.18 -17.76 -16.55
CA PRO A 24 -23.40 -18.58 -16.51
C PRO A 24 -24.28 -18.28 -15.31
N ASN A 25 -23.73 -18.38 -14.10
CA ASN A 25 -24.51 -18.05 -12.92
C ASN A 25 -25.08 -16.64 -12.96
N GLY A 26 -24.65 -15.82 -13.93
CA GLY A 26 -25.19 -14.50 -14.12
C GLY A 26 -24.33 -13.36 -13.61
N ASN A 27 -23.23 -13.66 -12.91
CA ASN A 27 -22.41 -12.61 -12.33
C ASN A 27 -21.65 -11.85 -13.41
N ALA A 28 -21.44 -10.56 -13.16
CA ALA A 28 -20.84 -9.67 -14.15
C ALA A 28 -19.33 -9.70 -14.05
N VAL A 29 -18.67 -9.64 -15.21
CA VAL A 29 -17.22 -9.55 -15.29
C VAL A 29 -16.88 -8.43 -16.25
N THR A 30 -16.11 -7.44 -15.79
CA THR A 30 -15.74 -6.30 -16.61
C THR A 30 -14.23 -6.21 -16.74
N ASN A 31 -13.76 -6.15 -17.97
CA ASN A 31 -12.33 -6.07 -18.29
C ASN A 31 -12.03 -4.64 -18.72
N ILE A 32 -10.97 -4.06 -18.19
CA ILE A 32 -10.40 -2.83 -18.71
C ILE A 32 -8.90 -2.99 -18.80
N THR A 33 -8.27 -2.03 -19.47
CA THR A 33 -6.84 -1.84 -19.38
C THR A 33 -6.60 -0.47 -18.76
N LEU A 34 -5.59 -0.40 -17.90
CA LEU A 34 -5.30 0.80 -17.12
C LEU A 34 -3.85 1.19 -17.38
N ALA A 35 -3.65 2.43 -17.80
CA ALA A 35 -2.32 2.94 -18.09
C ALA A 35 -1.79 3.68 -16.86
N THR A 36 -0.58 3.30 -16.40
CA THR A 36 0.19 4.09 -15.45
C THR A 36 1.52 4.43 -16.10
N SER A 37 2.05 5.62 -15.82
CA SER A 37 3.32 5.99 -16.45
C SER A 37 4.21 6.74 -15.46
N GLU A 38 5.50 6.80 -15.80
CA GLU A 38 6.49 7.53 -15.03
C GLU A 38 7.48 8.22 -15.97
N SER A 39 8.02 9.35 -15.51
CA SER A 39 8.94 10.16 -16.28
C SER A 39 10.24 10.31 -15.52
N TRP A 40 11.36 9.94 -16.14
CA TRP A 40 12.68 10.06 -15.52
C TRP A 40 13.64 10.84 -16.40
N GLU A 50 7.67 8.77 -19.39
CA GLU A 50 8.34 8.22 -20.56
C GLU A 50 7.84 6.80 -20.85
N ARG A 51 7.76 5.95 -19.82
CA ARG A 51 7.33 4.57 -19.95
C ARG A 51 5.91 4.41 -19.41
N THR A 52 5.04 3.79 -20.20
CA THR A 52 3.68 3.48 -19.79
C THR A 52 3.56 1.99 -19.56
N GLU A 53 3.02 1.60 -18.41
CA GLU A 53 2.67 0.21 -18.15
C GLU A 53 1.17 0.03 -18.37
N TRP A 54 0.79 -0.96 -19.18
CA TRP A 54 -0.61 -1.24 -19.49
C TRP A 54 -1.05 -2.41 -18.63
N HIS A 55 -1.90 -2.13 -17.65
CA HIS A 55 -2.34 -3.17 -16.72
C HIS A 55 -3.64 -3.77 -17.23
N ARG A 56 -3.77 -5.08 -17.10
CA ARG A 56 -5.01 -5.80 -17.41
C ARG A 56 -5.79 -5.95 -16.12
N VAL A 57 -6.89 -5.21 -15.99
CA VAL A 57 -7.72 -5.21 -14.79
C VAL A 57 -9.01 -5.96 -15.12
N VAL A 58 -9.40 -6.87 -14.23
CA VAL A 58 -10.66 -7.61 -14.33
C VAL A 58 -11.44 -7.35 -13.05
N PHE A 59 -12.64 -6.80 -13.17
CA PHE A 59 -13.57 -6.61 -12.07
C PHE A 59 -14.56 -7.76 -12.02
N PHE A 60 -14.97 -8.13 -10.80
CA PHE A 60 -15.98 -9.17 -10.58
C PHE A 60 -17.11 -8.66 -9.70
N GLY A 61 -18.33 -9.10 -10.01
CA GLY A 61 -19.46 -8.83 -9.10
C GLY A 61 -19.94 -7.40 -9.17
N ARG A 62 -20.18 -6.81 -7.99
CA ARG A 62 -20.76 -5.47 -7.90
C ARG A 62 -19.88 -4.44 -8.58
N LEU A 63 -18.57 -4.52 -8.36
CA LEU A 63 -17.66 -3.57 -9.01
C LEU A 63 -17.63 -3.77 -10.52
N ALA A 64 -17.91 -4.97 -11.01
CA ALA A 64 -17.94 -5.19 -12.45
C ALA A 64 -19.08 -4.41 -13.10
N GLU A 65 -20.26 -4.43 -12.48
CA GLU A 65 -21.40 -3.68 -13.02
C GLU A 65 -21.12 -2.19 -12.98
N ILE A 66 -20.62 -1.71 -11.85
CA ILE A 66 -20.25 -0.30 -11.69
C ILE A 66 -19.21 0.09 -12.73
N ALA A 67 -18.18 -0.74 -12.90
CA ALA A 67 -17.11 -0.40 -13.83
C ALA A 67 -17.64 -0.31 -15.25
N GLY A 68 -18.40 -1.32 -15.68
CA GLY A 68 -18.92 -1.28 -17.04
C GLY A 68 -19.89 -0.14 -17.27
N GLU A 69 -20.63 0.24 -16.23
CA GLU A 69 -21.69 1.25 -16.37
C GLU A 69 -21.13 2.67 -16.37
N TYR A 70 -20.09 2.94 -15.59
CA TYR A 70 -19.67 4.31 -15.36
C TYR A 70 -18.24 4.66 -15.79
N LEU A 71 -17.38 3.69 -16.08
CA LEU A 71 -16.04 4.02 -16.51
C LEU A 71 -16.00 4.17 -18.02
N ARG A 72 -15.21 5.14 -18.48
CA ARG A 72 -15.04 5.39 -19.90
C ARG A 72 -13.56 5.50 -20.22
N LYS A 73 -13.24 5.39 -21.51
CA LYS A 73 -11.87 5.63 -21.94
C LYS A 73 -11.41 6.95 -21.37
N GLY A 74 -10.23 6.94 -20.74
CA GLY A 74 -9.71 8.15 -20.17
C GLY A 74 -10.17 8.48 -18.77
N SER A 75 -11.09 7.72 -18.19
CA SER A 75 -11.43 7.93 -16.79
C SER A 75 -10.20 7.71 -15.91
N GLN A 76 -10.00 8.59 -14.93
CA GLN A 76 -8.95 8.40 -13.93
C GLN A 76 -9.51 7.63 -12.74
N VAL A 77 -8.91 6.47 -12.43
CA VAL A 77 -9.46 5.61 -11.40
C VAL A 77 -8.36 5.15 -10.45
N TYR A 78 -8.77 4.85 -9.23
CA TYR A 78 -7.95 4.15 -8.26
C TYR A 78 -8.46 2.73 -8.20
N VAL A 79 -7.55 1.76 -8.16
CA VAL A 79 -7.95 0.37 -8.14
C VAL A 79 -7.10 -0.37 -7.11
N GLU A 80 -7.72 -1.25 -6.37
CA GLU A 80 -7.05 -2.06 -5.36
C GLU A 80 -7.52 -3.48 -5.57
N GLY A 81 -6.58 -4.40 -5.73
CA GLY A 81 -6.91 -5.77 -6.06
C GLY A 81 -5.75 -6.70 -5.76
N SER A 82 -5.71 -7.80 -6.50
CA SER A 82 -4.69 -8.79 -6.24
C SER A 82 -4.25 -9.37 -7.59
N LEU A 83 -3.02 -9.89 -7.63
CA LEU A 83 -2.47 -10.40 -8.87
C LEU A 83 -2.91 -11.84 -9.08
N ARG A 84 -3.33 -12.15 -10.30
CA ARG A 84 -3.74 -13.49 -10.70
C ARG A 84 -3.18 -13.74 -12.09
N THR A 85 -2.38 -14.78 -12.24
CA THR A 85 -1.85 -15.16 -13.54
C THR A 85 -2.71 -16.29 -14.08
N ARG A 86 -3.37 -16.05 -15.20
CA ARG A 86 -4.37 -16.95 -15.75
C ARG A 86 -3.77 -17.72 -16.92
N LYS A 87 -4.04 -19.02 -16.95
CA LYS A 87 -3.54 -19.87 -18.04
C LYS A 87 -4.58 -20.01 -19.13
N TRP A 88 -4.13 -19.99 -20.38
CA TRP A 88 -5.02 -20.21 -21.52
C TRP A 88 -4.20 -20.75 -22.69
N GLN A 89 -4.87 -21.04 -23.80
CA GLN A 89 -4.22 -21.69 -24.95
C GLN A 89 -4.42 -20.91 -26.25
N ASP A 92 -4.13 -22.55 -31.45
CA ASP A 92 -2.69 -22.50 -31.27
C ASP A 92 -2.15 -23.76 -30.58
N GLY A 93 -2.81 -24.18 -29.49
CA GLY A 93 -2.38 -25.34 -28.73
C GLY A 93 -1.23 -25.10 -27.77
N GLN A 94 -0.60 -23.94 -27.83
CA GLN A 94 0.53 -23.62 -26.97
C GLN A 94 0.08 -22.81 -25.76
N ASP A 95 0.73 -23.04 -24.63
CA ASP A 95 0.38 -22.38 -23.39
C ASP A 95 0.63 -20.88 -23.47
N ARG A 96 -0.37 -20.10 -23.06
CA ARG A 96 -0.23 -18.66 -22.86
C ARG A 96 -0.54 -18.33 -21.41
N TYR A 97 -0.06 -17.18 -20.95
CA TYR A 97 -0.32 -16.73 -19.59
C TYR A 97 -0.59 -15.24 -19.59
N THR A 98 -1.58 -14.82 -18.81
CA THR A 98 -1.90 -13.41 -18.63
C THR A 98 -1.97 -13.11 -17.14
N THR A 99 -1.17 -12.15 -16.68
CA THR A 99 -1.21 -11.69 -15.30
C THR A 99 -2.20 -10.53 -15.21
N GLU A 100 -3.29 -10.74 -14.47
CA GLU A 100 -4.36 -9.76 -14.36
C GLU A 100 -4.44 -9.23 -12.93
N ILE A 101 -4.88 -7.97 -12.80
CA ILE A 101 -5.23 -7.39 -11.51
C ILE A 101 -6.72 -7.66 -11.31
N VAL A 102 -7.01 -8.51 -10.34
CA VAL A 102 -8.35 -8.98 -10.09
C VAL A 102 -8.94 -8.12 -8.99
N VAL A 103 -10.02 -7.42 -9.32
CA VAL A 103 -10.71 -6.51 -8.36
C VAL A 103 -12.11 -7.06 -8.12
N ASP A 104 -12.29 -7.82 -7.04
CA ASP A 104 -13.62 -8.38 -6.71
C ASP A 104 -14.08 -7.75 -5.39
N ILE A 105 -14.78 -8.53 -4.56
CA ILE A 105 -15.32 -8.05 -3.26
C ILE A 105 -14.21 -7.64 -2.28
N ASN A 106 -13.01 -8.22 -2.42
CA ASN A 106 -11.87 -7.90 -1.53
C ASN A 106 -11.13 -6.66 -2.03
N GLY A 107 -11.42 -6.19 -3.25
CA GLY A 107 -10.72 -5.01 -3.74
C GLY A 107 -11.48 -3.72 -3.52
N ASN A 108 -11.19 -2.74 -4.35
CA ASN A 108 -11.74 -1.39 -4.26
C ASN A 108 -11.49 -0.71 -5.60
N MET A 109 -12.46 0.08 -6.05
CA MET A 109 -12.32 0.91 -7.23
C MET A 109 -12.98 2.24 -6.92
N GLN A 110 -12.28 3.33 -7.21
CA GLN A 110 -12.85 4.66 -7.06
C GLN A 110 -12.56 5.49 -8.28
N LEU A 111 -13.61 6.06 -8.86
CA LEU A 111 -13.43 7.06 -9.89
C LEU A 111 -12.86 8.30 -9.27
N LEU A 112 -11.78 8.82 -9.83
CA LEU A 112 -11.13 9.93 -9.16
C LEU A 112 -11.78 11.27 -9.56
N GLY A 113 -11.36 12.33 -8.87
CA GLY A 113 -12.01 13.63 -9.01
C GLY A 113 -13.28 13.77 -8.20
N GLY A 114 -13.97 14.87 -8.44
CA GLY A 114 -15.16 15.20 -7.70
C GLY A 114 -14.93 16.36 -6.73
N ARG A 115 -16.03 16.96 -6.30
CA ARG A 115 -15.98 18.08 -5.37
C ARG A 115 -15.41 17.65 -4.01
N ARG B 3 3.16 9.52 -13.85
CA ARG B 3 1.84 10.14 -13.82
C ARG B 3 0.90 9.50 -12.79
N GLY B 4 0.58 8.22 -12.97
CA GLY B 4 -0.21 7.45 -12.02
C GLY B 4 0.65 6.73 -10.98
N VAL B 5 0.08 5.66 -10.43
CA VAL B 5 0.68 4.92 -9.33
C VAL B 5 0.67 3.44 -9.69
N ASN B 6 1.79 2.77 -9.46
CA ASN B 6 1.93 1.37 -9.85
C ASN B 6 2.66 0.70 -8.69
N LYS B 7 1.90 0.04 -7.81
CA LYS B 7 2.46 -0.46 -6.56
C LYS B 7 1.91 -1.85 -6.30
N VAL B 8 2.80 -2.76 -5.90
CA VAL B 8 2.48 -4.14 -5.57
C VAL B 8 3.12 -4.45 -4.22
N ILE B 9 2.35 -5.07 -3.34
CA ILE B 9 2.82 -5.45 -2.02
C ILE B 9 2.55 -6.92 -1.85
N LEU B 10 3.61 -7.71 -1.64
CA LEU B 10 3.50 -9.15 -1.49
C LEU B 10 4.15 -9.60 -0.20
N VAL B 11 3.54 -10.59 0.42
CA VAL B 11 4.15 -11.36 1.50
C VAL B 11 4.01 -12.82 1.11
N GLY B 12 5.13 -13.52 1.02
CA GLY B 12 5.05 -14.88 0.54
C GLY B 12 6.32 -15.64 0.83
N ASN B 13 6.43 -16.83 0.24
CA ASN B 13 7.62 -17.66 0.47
C ASN B 13 8.39 -17.84 -0.82
N VAL B 14 9.70 -17.65 -0.73
CA VAL B 14 10.58 -17.82 -1.88
C VAL B 14 10.51 -19.28 -2.34
N GLY B 15 10.31 -19.48 -3.63
CA GLY B 15 10.09 -20.79 -4.20
C GLY B 15 11.38 -21.57 -4.39
N GLY B 16 12.41 -20.93 -4.93
CA GLY B 16 13.71 -21.55 -5.13
C GLY B 16 14.81 -20.65 -4.62
N ASP B 17 16.03 -21.16 -4.68
CA ASP B 17 17.14 -20.36 -4.22
C ASP B 17 17.33 -19.18 -5.16
N PRO B 18 17.52 -17.97 -4.64
CA PRO B 18 17.59 -16.79 -5.51
C PRO B 18 18.69 -16.92 -6.56
N GLU B 19 18.45 -16.32 -7.71
CA GLU B 19 19.43 -16.25 -8.79
C GLU B 19 19.94 -14.83 -8.88
N THR B 20 21.22 -14.63 -8.56
CA THR B 20 21.84 -13.31 -8.54
C THR B 20 22.96 -13.24 -9.56
N ARG B 21 22.99 -12.15 -10.33
CA ARG B 21 24.14 -11.88 -11.18
C ARG B 21 24.47 -10.40 -11.10
N TYR B 22 25.77 -10.11 -11.18
CA TYR B 22 26.28 -8.75 -11.20
C TYR B 22 26.68 -8.38 -12.62
N MET B 23 26.61 -7.10 -12.94
CA MET B 23 26.89 -6.65 -14.30
C MET B 23 27.81 -5.44 -14.23
N PRO B 24 28.38 -5.04 -15.37
CA PRO B 24 29.56 -4.14 -15.32
C PRO B 24 29.37 -2.90 -14.47
N ASN B 25 28.27 -2.18 -14.64
CA ASN B 25 28.07 -0.86 -14.03
C ASN B 25 27.97 -0.90 -12.51
N GLY B 26 28.10 -2.09 -11.91
CA GLY B 26 27.86 -2.27 -10.50
C GLY B 26 26.44 -2.67 -10.14
N ASN B 27 25.52 -2.68 -11.10
CA ASN B 27 24.15 -3.08 -10.83
C ASN B 27 24.06 -4.60 -10.71
N ALA B 28 23.34 -5.06 -9.70
CA ALA B 28 23.04 -6.46 -9.49
C ALA B 28 21.58 -6.73 -9.82
N VAL B 29 21.27 -7.97 -10.17
CA VAL B 29 19.92 -8.39 -10.47
C VAL B 29 19.69 -9.71 -9.77
N THR B 30 18.62 -9.81 -9.00
CA THR B 30 18.26 -11.06 -8.34
C THR B 30 16.86 -11.44 -8.77
N ASN B 31 16.71 -12.71 -9.14
CA ASN B 31 15.41 -13.24 -9.52
C ASN B 31 14.99 -14.28 -8.51
N ILE B 32 13.70 -14.23 -8.16
CA ILE B 32 13.04 -15.25 -7.37
C ILE B 32 11.63 -15.46 -7.91
N THR B 33 11.02 -16.55 -7.46
CA THR B 33 9.58 -16.72 -7.56
C THR B 33 9.05 -16.71 -6.13
N LEU B 34 7.87 -16.14 -5.95
CA LEU B 34 7.29 -15.96 -4.62
C LEU B 34 5.88 -16.49 -4.65
N ALA B 35 5.57 -17.39 -3.73
CA ALA B 35 4.24 -17.96 -3.63
C ALA B 35 3.48 -17.21 -2.57
N THR B 36 2.31 -16.68 -2.94
CA THR B 36 1.29 -16.23 -2.01
C THR B 36 0.10 -17.17 -2.11
N SER B 37 -0.49 -17.52 -0.97
CA SER B 37 -1.71 -18.32 -0.98
C SER B 37 -2.75 -17.70 -0.07
N GLU B 38 -4.02 -17.86 -0.48
CA GLU B 38 -5.15 -17.30 0.24
C GLU B 38 -6.19 -18.38 0.53
N GLU B 50 -6.42 -24.41 -0.54
CA GLU B 50 -5.78 -23.11 -0.49
C GLU B 50 -5.04 -22.81 -1.79
N ARG B 51 -5.60 -21.89 -2.58
CA ARG B 51 -5.04 -21.55 -3.87
C ARG B 51 -3.75 -20.75 -3.73
N THR B 52 -2.71 -21.19 -4.44
CA THR B 52 -1.40 -20.57 -4.41
C THR B 52 -1.16 -19.81 -5.71
N GLU B 53 -0.65 -18.60 -5.59
CA GLU B 53 -0.30 -17.77 -6.73
C GLU B 53 1.20 -17.60 -6.76
N TRP B 54 1.80 -17.80 -7.93
CA TRP B 54 3.24 -17.67 -8.12
C TRP B 54 3.54 -16.35 -8.80
N HIS B 55 4.49 -15.61 -8.21
CA HIS B 55 4.88 -14.29 -8.67
C HIS B 55 6.34 -14.34 -9.07
N ARG B 56 6.65 -13.74 -10.21
CA ARG B 56 8.04 -13.49 -10.62
C ARG B 56 8.47 -12.16 -10.04
N VAL B 57 9.47 -12.17 -9.17
CA VAL B 57 9.96 -10.96 -8.52
C VAL B 57 11.40 -10.74 -8.97
N VAL B 58 11.71 -9.52 -9.40
CA VAL B 58 13.07 -9.19 -9.79
C VAL B 58 13.51 -7.98 -8.97
N PHE B 59 14.62 -8.14 -8.28
CA PHE B 59 15.28 -7.08 -7.54
C PHE B 59 16.40 -6.48 -8.38
N PHE B 60 16.58 -5.16 -8.25
CA PHE B 60 17.69 -4.45 -8.85
C PHE B 60 18.43 -3.65 -7.79
N GLY B 61 19.73 -3.47 -8.01
CA GLY B 61 20.55 -2.61 -7.18
C GLY B 61 20.84 -3.16 -5.80
N ARG B 62 20.84 -2.27 -4.79
CA ARG B 62 21.16 -2.69 -3.43
C ARG B 62 20.22 -3.80 -2.96
N LEU B 63 18.93 -3.70 -3.29
CA LEU B 63 18.01 -4.73 -2.83
C LEU B 63 18.28 -6.08 -3.49
N ALA B 64 18.78 -6.08 -4.74
CA ALA B 64 19.19 -7.33 -5.36
C ALA B 64 20.35 -7.95 -4.59
N GLU B 65 21.31 -7.13 -4.16
CA GLU B 65 22.42 -7.63 -3.33
C GLU B 65 21.88 -8.24 -2.04
N ILE B 66 21.02 -7.50 -1.33
CA ILE B 66 20.49 -7.99 -0.06
C ILE B 66 19.66 -9.25 -0.28
N ALA B 67 18.79 -9.25 -1.30
CA ALA B 67 17.98 -10.43 -1.57
C ALA B 67 18.84 -11.67 -1.82
N GLY B 68 19.90 -11.53 -2.63
CA GLY B 68 20.76 -12.67 -2.89
C GLY B 68 21.52 -13.14 -1.66
N GLU B 69 21.84 -12.23 -0.75
CA GLU B 69 22.57 -12.63 0.45
C GLU B 69 21.65 -13.33 1.44
N TYR B 70 20.47 -12.77 1.69
CA TYR B 70 19.64 -13.20 2.81
C TYR B 70 18.45 -14.10 2.43
N LEU B 71 17.95 -14.03 1.22
CA LEU B 71 16.86 -14.92 0.84
C LEU B 71 17.37 -16.30 0.45
N ARG B 72 16.66 -17.33 0.87
CA ARG B 72 16.90 -18.69 0.43
C ARG B 72 15.56 -19.33 0.13
N LYS B 73 15.59 -20.52 -0.48
CA LYS B 73 14.36 -21.23 -0.78
C LYS B 73 13.53 -21.38 0.50
N GLY B 74 12.23 -21.05 0.41
CA GLY B 74 11.37 -21.15 1.57
C GLY B 74 11.36 -19.96 2.50
N SER B 75 12.28 -19.00 2.32
CA SER B 75 12.27 -17.78 3.12
C SER B 75 10.91 -17.09 3.01
N GLN B 76 10.44 -16.53 4.12
CA GLN B 76 9.28 -15.64 4.10
C GLN B 76 9.77 -14.21 3.95
N VAL B 77 9.15 -13.45 3.04
CA VAL B 77 9.66 -12.12 2.72
C VAL B 77 8.50 -11.19 2.37
N TYR B 78 8.69 -9.92 2.70
CA TYR B 78 7.80 -8.83 2.31
C TYR B 78 8.47 -8.11 1.15
N VAL B 79 7.69 -7.81 0.13
CA VAL B 79 8.21 -7.21 -1.08
C VAL B 79 7.24 -6.12 -1.51
N GLU B 80 7.80 -4.96 -1.85
CA GLU B 80 7.03 -3.86 -2.38
C GLU B 80 7.68 -3.41 -3.67
N GLY B 81 6.92 -3.39 -4.75
CA GLY B 81 7.51 -3.04 -6.02
C GLY B 81 6.49 -2.49 -6.99
N SER B 82 6.79 -2.62 -8.29
CA SER B 82 5.95 -2.10 -9.35
C SER B 82 5.80 -3.17 -10.42
N LEU B 83 4.65 -3.18 -11.09
CA LEU B 83 4.39 -4.16 -12.12
C LEU B 83 5.09 -3.74 -13.41
N ARG B 84 5.72 -4.72 -14.08
CA ARG B 84 6.31 -4.49 -15.38
C ARG B 84 6.05 -5.69 -16.28
N THR B 85 5.48 -5.44 -17.44
CA THR B 85 5.23 -6.48 -18.42
C THR B 85 6.25 -6.29 -19.55
N ARG B 86 7.05 -7.32 -19.81
CA ARG B 86 8.00 -7.25 -20.91
C ARG B 86 7.57 -8.19 -22.04
N LYS B 87 7.80 -7.74 -23.26
CA LYS B 87 7.41 -8.44 -24.47
C LYS B 87 8.62 -9.18 -25.04
N TRP B 88 8.41 -10.40 -25.53
CA TRP B 88 9.48 -11.14 -26.18
C TRP B 88 8.91 -12.06 -27.26
N GLN B 89 9.70 -12.27 -28.31
CA GLN B 89 9.33 -13.21 -29.36
C GLN B 89 9.88 -14.58 -28.99
N GLY B 90 8.99 -15.58 -28.88
CA GLY B 90 9.43 -16.93 -28.61
C GLY B 90 10.14 -17.53 -29.81
N GLN B 91 10.70 -18.73 -29.61
CA GLN B 91 11.43 -19.41 -30.67
C GLN B 91 10.53 -19.91 -31.79
N ASP B 92 9.22 -19.97 -31.58
CA ASP B 92 8.27 -20.19 -32.66
C ASP B 92 7.95 -18.90 -33.41
N GLY B 93 8.47 -17.76 -32.98
CA GLY B 93 8.22 -16.48 -33.63
C GLY B 93 7.00 -15.72 -33.12
N GLN B 94 6.24 -16.29 -32.19
CA GLN B 94 5.04 -15.64 -31.66
C GLN B 94 5.38 -14.74 -30.48
N ASP B 95 4.66 -13.63 -30.38
CA ASP B 95 4.81 -12.70 -29.27
C ASP B 95 4.35 -13.34 -27.96
N ARG B 96 5.14 -13.12 -26.91
CA ARG B 96 4.78 -13.53 -25.56
C ARG B 96 5.04 -12.37 -24.61
N TYR B 97 4.44 -12.44 -23.43
CA TYR B 97 4.53 -11.38 -22.44
C TYR B 97 4.83 -12.02 -21.08
N THR B 98 5.68 -11.35 -20.31
CA THR B 98 5.96 -11.77 -18.94
C THR B 98 5.77 -10.57 -18.02
N THR B 99 4.90 -10.70 -17.01
CA THR B 99 4.67 -9.68 -16.00
C THR B 99 5.47 -10.00 -14.73
N GLU B 100 6.34 -9.08 -14.34
CA GLU B 100 7.18 -9.23 -13.16
C GLU B 100 6.91 -8.12 -12.15
N ILE B 101 7.20 -8.41 -10.89
CA ILE B 101 7.23 -7.40 -9.85
C ILE B 101 8.65 -6.88 -9.78
N VAL B 102 8.86 -5.62 -10.13
CA VAL B 102 10.18 -5.02 -10.08
C VAL B 102 10.37 -4.38 -8.71
N VAL B 103 11.41 -4.78 -8.00
CA VAL B 103 11.74 -4.24 -6.70
C VAL B 103 13.08 -3.53 -6.83
N ASP B 104 13.03 -2.20 -6.98
CA ASP B 104 14.25 -1.40 -7.08
C ASP B 104 14.28 -0.33 -5.99
N ILE B 105 14.94 0.79 -6.28
CA ILE B 105 15.14 1.83 -5.25
C ILE B 105 13.82 2.45 -4.81
N ASN B 106 12.78 2.36 -5.63
CA ASN B 106 11.47 2.87 -5.23
C ASN B 106 10.69 1.86 -4.40
N GLY B 107 11.17 0.62 -4.32
CA GLY B 107 10.49 -0.43 -3.64
C GLY B 107 11.12 -0.77 -2.31
N ASN B 108 10.80 -1.96 -1.81
CA ASN B 108 11.23 -2.31 -0.48
C ASN B 108 11.19 -3.81 -0.36
N MET B 109 12.02 -4.33 0.53
CA MET B 109 12.09 -5.74 0.84
C MET B 109 12.37 -5.85 2.33
N GLN B 110 11.74 -6.82 2.98
CA GLN B 110 11.98 -7.07 4.39
C GLN B 110 11.97 -8.57 4.58
N LEU B 111 13.10 -9.15 5.00
CA LEU B 111 13.11 -10.56 5.34
C LEU B 111 12.33 -10.77 6.62
N LEU B 112 11.46 -11.75 6.63
CA LEU B 112 10.54 -11.99 7.73
C LEU B 112 10.97 -13.21 8.54
N GLY B 113 10.33 -13.41 9.68
CA GLY B 113 10.50 -14.62 10.44
C GLY B 113 11.66 -14.57 11.42
N ARG C 3 -15.11 8.67 -0.45
CA ARG C 3 -14.65 9.55 -1.52
C ARG C 3 -13.15 9.43 -1.75
N GLY C 4 -12.38 9.24 -0.67
CA GLY C 4 -10.95 9.08 -0.77
C GLY C 4 -10.47 7.68 -0.40
N VAL C 5 -9.16 7.60 -0.15
CA VAL C 5 -8.52 6.34 0.21
C VAL C 5 -7.74 6.60 1.49
N ASN C 6 -7.89 5.70 2.46
CA ASN C 6 -7.25 5.83 3.77
C ASN C 6 -6.71 4.45 4.11
N LYS C 7 -5.41 4.24 3.87
CA LYS C 7 -4.86 2.89 3.99
C LYS C 7 -3.51 2.95 4.68
N VAL C 8 -3.34 2.03 5.62
CA VAL C 8 -2.07 1.89 6.35
C VAL C 8 -1.62 0.44 6.25
N ILE C 9 -0.33 0.24 5.98
CA ILE C 9 0.25 -1.10 5.92
C ILE C 9 1.45 -1.13 6.84
N LEU C 10 1.43 -2.05 7.81
CA LEU C 10 2.48 -2.15 8.82
C LEU C 10 2.93 -3.60 8.90
N VAL C 11 4.24 -3.77 9.02
CA VAL C 11 4.85 -5.04 9.43
C VAL C 11 5.70 -4.71 10.64
N GLY C 12 5.36 -5.30 11.78
CA GLY C 12 6.03 -4.94 13.01
C GLY C 12 5.95 -6.01 14.08
N ASN C 13 6.40 -5.65 15.29
CA ASN C 13 6.46 -6.59 16.40
C ASN C 13 5.49 -6.14 17.48
N VAL C 14 4.66 -7.08 17.94
CA VAL C 14 3.71 -6.77 19.02
C VAL C 14 4.49 -6.39 20.28
N GLY C 15 4.10 -5.28 20.90
CA GLY C 15 4.83 -4.76 22.04
C GLY C 15 4.51 -5.46 23.34
N GLY C 16 3.25 -5.71 23.61
CA GLY C 16 2.83 -6.33 24.85
C GLY C 16 1.84 -7.45 24.59
N ASP C 17 1.38 -8.03 25.69
CA ASP C 17 0.30 -8.99 25.60
C ASP C 17 -0.91 -8.30 24.97
N PRO C 18 -1.47 -8.84 23.90
CA PRO C 18 -2.68 -8.25 23.33
C PRO C 18 -3.81 -8.20 24.36
N GLU C 19 -4.57 -7.11 24.34
CA GLU C 19 -5.69 -6.91 25.24
C GLU C 19 -6.98 -7.09 24.46
N THR C 20 -7.72 -8.15 24.76
CA THR C 20 -8.97 -8.41 24.08
C THR C 20 -10.16 -8.11 24.98
N ARG C 21 -11.18 -7.52 24.39
CA ARG C 21 -12.38 -7.08 25.08
C ARG C 21 -13.59 -7.55 24.27
N TYR C 22 -14.76 -7.54 24.89
CA TYR C 22 -15.99 -7.89 24.20
C TYR C 22 -17.06 -6.83 24.43
N MET C 23 -17.82 -6.55 23.38
CA MET C 23 -18.99 -5.69 23.50
C MET C 23 -20.18 -6.49 24.02
N PRO C 24 -21.23 -5.82 24.49
CA PRO C 24 -22.42 -6.56 24.92
C PRO C 24 -22.86 -7.60 23.91
N ASN C 25 -22.84 -7.27 22.61
CA ASN C 25 -23.34 -8.17 21.56
C ASN C 25 -22.41 -9.34 21.27
N GLY C 26 -21.25 -9.41 21.91
CA GLY C 26 -20.34 -10.53 21.74
C GLY C 26 -19.22 -10.31 20.74
N ASN C 27 -19.22 -9.18 20.05
CA ASN C 27 -18.14 -8.89 19.12
C ASN C 27 -16.88 -8.48 19.87
N ALA C 28 -15.73 -8.86 19.32
CA ALA C 28 -14.44 -8.75 19.98
C ALA C 28 -13.69 -7.52 19.51
N VAL C 29 -12.91 -6.94 20.41
CA VAL C 29 -12.03 -5.81 20.15
C VAL C 29 -10.69 -6.12 20.79
N THR C 30 -9.62 -6.12 20.00
CA THR C 30 -8.30 -6.42 20.51
C THR C 30 -7.38 -5.25 20.23
N ASN C 31 -6.66 -4.82 21.26
CA ASN C 31 -5.73 -3.71 21.18
C ASN C 31 -4.32 -4.24 21.29
N ILE C 32 -3.42 -3.70 20.45
CA ILE C 32 -2.00 -3.96 20.59
C ILE C 32 -1.26 -2.67 20.30
N THR C 33 0.00 -2.65 20.69
CA THR C 33 0.96 -1.71 20.14
C THR C 33 1.86 -2.49 19.21
N LEU C 34 2.30 -1.83 18.15
CA LEU C 34 3.12 -2.46 17.14
C LEU C 34 4.29 -1.53 16.89
N ALA C 35 5.51 -2.04 17.02
CA ALA C 35 6.72 -1.28 16.75
C ALA C 35 7.21 -1.51 15.33
N THR C 36 7.64 -0.43 14.68
CA THR C 36 8.40 -0.49 13.44
C THR C 36 9.56 0.44 13.62
N SER C 37 10.72 0.09 13.06
CA SER C 37 11.92 0.86 13.37
C SER C 37 12.80 1.00 12.13
N GLU C 38 13.69 2.00 12.21
CA GLU C 38 14.66 2.31 11.19
C GLU C 38 16.05 2.34 11.80
N SER C 39 17.07 2.09 10.96
CA SER C 39 18.47 2.06 11.36
C SER C 39 19.16 3.37 10.97
N TRP C 40 20.46 3.46 11.26
CA TRP C 40 21.19 4.70 10.98
C TRP C 40 22.64 4.58 11.43
N LYS C 41 23.43 5.60 11.09
CA LYS C 41 24.84 5.72 11.44
C LYS C 41 25.29 7.16 11.20
N ASP C 42 26.19 7.63 12.08
CA ASP C 42 26.72 9.01 12.01
C ASP C 42 25.64 10.03 11.68
N GLN C 49 22.31 4.21 15.90
CA GLN C 49 21.15 5.08 15.75
C GLN C 49 19.89 4.29 15.34
N GLU C 50 18.81 4.45 16.12
CA GLU C 50 17.58 3.70 15.89
C GLU C 50 16.38 4.54 16.29
N ARG C 51 15.41 4.64 15.39
CA ARG C 51 14.14 5.33 15.64
C ARG C 51 13.03 4.30 15.54
N THR C 52 12.26 4.13 16.62
CA THR C 52 11.18 3.18 16.66
C THR C 52 9.86 3.94 16.69
N GLU C 53 8.92 3.51 15.85
CA GLU C 53 7.58 4.06 15.82
C GLU C 53 6.66 3.07 16.50
N TRP C 54 5.93 3.54 17.50
CA TRP C 54 4.98 2.72 18.24
C TRP C 54 3.59 3.03 17.70
N HIS C 55 2.95 2.05 17.07
CA HIS C 55 1.64 2.26 16.48
C HIS C 55 0.61 1.62 17.39
N ARG C 56 -0.51 2.32 17.57
CA ARG C 56 -1.68 1.76 18.27
C ARG C 56 -2.57 1.11 17.24
N VAL C 57 -2.75 -0.21 17.35
CA VAL C 57 -3.53 -0.99 16.41
C VAL C 57 -4.73 -1.56 17.14
N VAL C 58 -5.90 -1.39 16.55
CA VAL C 58 -7.13 -1.94 17.10
C VAL C 58 -7.77 -2.85 16.06
N PHE C 59 -7.95 -4.11 16.42
CA PHE C 59 -8.68 -5.07 15.59
C PHE C 59 -10.12 -5.16 16.05
N PHE C 60 -11.01 -5.38 15.09
CA PHE C 60 -12.43 -5.60 15.35
C PHE C 60 -12.88 -6.91 14.75
N GLY C 61 -13.83 -7.55 15.42
CA GLY C 61 -14.48 -8.70 14.83
C GLY C 61 -13.57 -9.92 14.81
N ARG C 62 -13.68 -10.68 13.71
CA ARG C 62 -12.97 -11.94 13.58
C ARG C 62 -11.46 -11.74 13.78
N LEU C 63 -10.88 -10.78 13.07
CA LEU C 63 -9.46 -10.50 13.24
C LEU C 63 -9.12 -10.18 14.69
N ALA C 64 -10.04 -9.53 15.41
CA ALA C 64 -9.82 -9.32 16.85
C ALA C 64 -9.70 -10.63 17.60
N GLU C 65 -10.49 -11.64 17.20
CA GLU C 65 -10.45 -12.92 17.90
C GLU C 65 -9.16 -13.67 17.59
N ILE C 66 -8.77 -13.70 16.33
CA ILE C 66 -7.49 -14.29 15.93
C ILE C 66 -6.34 -13.57 16.63
N ALA C 67 -6.36 -12.23 16.59
CA ALA C 67 -5.30 -11.43 17.21
C ALA C 67 -5.20 -11.71 18.70
N GLY C 68 -6.33 -11.66 19.40
CA GLY C 68 -6.31 -11.92 20.83
C GLY C 68 -5.88 -13.33 21.19
N GLU C 69 -6.10 -14.29 20.29
CA GLU C 69 -5.68 -15.64 20.66
C GLU C 69 -4.23 -15.95 20.32
N TYR C 70 -3.75 -15.53 19.16
CA TYR C 70 -2.46 -16.01 18.66
C TYR C 70 -1.31 -15.02 18.80
N LEU C 71 -1.57 -13.73 18.98
CA LEU C 71 -0.48 -12.78 19.08
C LEU C 71 0.12 -12.79 20.48
N ARG C 72 1.45 -12.70 20.55
CA ARG C 72 2.17 -12.60 21.81
C ARG C 72 3.17 -11.46 21.71
N LYS C 73 3.63 -11.00 22.87
CA LYS C 73 4.74 -10.07 22.88
C LYS C 73 5.83 -10.54 21.94
N GLY C 74 6.28 -9.66 21.02
CA GLY C 74 7.30 -10.00 20.04
C GLY C 74 6.79 -10.65 18.77
N SER C 75 5.53 -11.03 18.72
CA SER C 75 4.95 -11.53 17.49
C SER C 75 5.24 -10.57 16.34
N GLN C 76 5.69 -11.11 15.21
CA GLN C 76 5.80 -10.34 13.98
C GLN C 76 4.49 -10.47 13.23
N VAL C 77 3.96 -9.34 12.76
CA VAL C 77 2.61 -9.34 12.22
C VAL C 77 2.52 -8.34 11.08
N TYR C 78 1.80 -8.73 10.02
CA TYR C 78 1.37 -7.83 8.96
C TYR C 78 -0.03 -7.34 9.27
N VAL C 79 -0.24 -6.03 9.12
CA VAL C 79 -1.52 -5.42 9.39
C VAL C 79 -1.85 -4.46 8.25
N GLU C 80 -3.08 -4.52 7.75
CA GLU C 80 -3.58 -3.53 6.82
C GLU C 80 -4.87 -2.94 7.40
N GLY C 81 -4.90 -1.62 7.55
CA GLY C 81 -6.10 -1.00 8.09
C GLY C 81 -6.28 0.43 7.65
N SER C 82 -6.98 1.23 8.45
CA SER C 82 -7.06 2.65 8.13
C SER C 82 -6.88 3.49 9.39
N LEU C 83 -6.44 4.73 9.15
CA LEU C 83 -6.16 5.68 10.19
C LEU C 83 -7.45 6.25 10.76
N ARG C 84 -7.48 6.40 12.08
CA ARG C 84 -8.59 7.05 12.74
C ARG C 84 -8.07 7.82 13.95
N THR C 85 -8.36 9.11 13.97
CA THR C 85 -7.97 9.99 15.07
C THR C 85 -9.21 10.21 15.93
N ARG C 86 -9.14 9.75 17.17
CA ARG C 86 -10.24 9.91 18.12
C ARG C 86 -9.98 11.15 18.96
N LYS C 87 -11.03 11.90 19.22
CA LYS C 87 -10.95 13.14 19.99
C LYS C 87 -11.51 12.87 21.39
N TRP C 88 -10.84 13.40 22.42
CA TRP C 88 -11.34 13.20 23.77
C TRP C 88 -10.89 14.34 24.68
N GLN C 89 -11.75 14.70 25.64
CA GLN C 89 -11.44 15.71 26.65
C GLN C 89 -10.69 15.04 27.80
N GLY C 90 -9.47 15.49 28.06
CA GLY C 90 -8.71 14.97 29.18
C GLY C 90 -9.40 15.35 30.49
N GLN C 91 -8.83 14.86 31.59
CA GLN C 91 -9.42 15.20 32.89
C GLN C 91 -9.16 16.65 33.28
N ASP C 92 -8.16 17.31 32.70
CA ASP C 92 -8.01 18.75 32.88
C ASP C 92 -8.89 19.58 31.95
N GLY C 93 -9.75 18.96 31.15
CA GLY C 93 -10.70 19.67 30.33
C GLY C 93 -10.26 20.00 28.90
N GLN C 94 -8.97 19.87 28.58
CA GLN C 94 -8.53 20.23 27.23
C GLN C 94 -8.54 19.04 26.29
N ASP C 95 -8.72 19.36 25.01
CA ASP C 95 -8.86 18.35 23.99
C ASP C 95 -7.55 17.61 23.78
N ARG C 96 -7.64 16.30 23.63
CA ARG C 96 -6.53 15.49 23.19
C ARG C 96 -6.99 14.63 22.02
N TYR C 97 -6.01 14.03 21.34
CA TYR C 97 -6.26 13.31 20.11
C TYR C 97 -5.42 12.05 20.12
N THR C 98 -6.02 10.96 19.64
CA THR C 98 -5.33 9.68 19.57
C THR C 98 -5.54 9.10 18.19
N THR C 99 -4.44 8.85 17.47
CA THR C 99 -4.45 8.28 16.13
C THR C 99 -4.19 6.79 16.21
N GLU C 100 -5.14 5.98 15.73
CA GLU C 100 -5.04 4.53 15.77
C GLU C 100 -5.17 3.96 14.37
N ILE C 101 -4.62 2.76 14.18
CA ILE C 101 -4.81 1.99 12.96
C ILE C 101 -5.92 1.01 13.22
N VAL C 102 -7.04 1.18 12.53
CA VAL C 102 -8.22 0.36 12.73
C VAL C 102 -8.20 -0.79 11.72
N VAL C 103 -8.28 -2.00 12.23
CA VAL C 103 -8.17 -3.22 11.43
C VAL C 103 -9.49 -3.96 11.60
N ASP C 104 -10.40 -3.78 10.65
CA ASP C 104 -11.71 -4.43 10.70
C ASP C 104 -11.95 -5.27 9.45
N ILE C 105 -13.22 -5.46 9.09
CA ILE C 105 -13.55 -6.35 7.96
C ILE C 105 -12.95 -5.84 6.66
N ASN C 106 -12.66 -4.54 6.56
CA ASN C 106 -12.06 -4.01 5.35
C ASN C 106 -10.53 -4.09 5.34
N GLY C 107 -9.93 -4.52 6.44
CA GLY C 107 -8.49 -4.59 6.58
C GLY C 107 -7.98 -6.02 6.51
N ASN C 108 -6.79 -6.24 7.06
CA ASN C 108 -6.19 -7.55 6.93
C ASN C 108 -5.13 -7.69 8.02
N MET C 109 -4.90 -8.94 8.41
CA MET C 109 -3.84 -9.24 9.37
C MET C 109 -3.30 -10.61 9.03
N GLN C 110 -1.97 -10.73 8.98
CA GLN C 110 -1.35 -12.01 8.73
C GLN C 110 -0.25 -12.24 9.77
N LEU C 111 -0.31 -13.39 10.43
CA LEU C 111 0.69 -13.78 11.41
C LEU C 111 1.91 -14.31 10.67
N LEU C 112 3.06 -13.70 10.91
CA LEU C 112 4.25 -13.97 10.14
C LEU C 112 5.20 -14.92 10.91
N GLY C 113 6.15 -15.52 10.18
CA GLY C 113 7.14 -16.42 10.77
C GLY C 113 6.66 -17.86 11.02
N ARG D 3 13.69 -2.42 10.75
CA ARG D 3 12.91 -3.60 11.15
C ARG D 3 11.40 -3.35 11.00
N GLY D 4 10.87 -3.73 9.84
CA GLY D 4 9.45 -3.63 9.57
C GLY D 4 9.13 -2.57 8.53
N VAL D 5 7.84 -2.48 8.26
CA VAL D 5 7.27 -1.68 7.18
C VAL D 5 6.29 -0.69 7.82
N ASN D 6 6.37 0.57 7.41
CA ASN D 6 5.51 1.64 7.94
C ASN D 6 5.04 2.44 6.73
N LYS D 7 3.87 2.10 6.21
CA LYS D 7 3.38 2.67 4.96
C LYS D 7 1.95 3.20 5.12
N VAL D 8 1.74 4.43 4.71
CA VAL D 8 0.42 5.04 4.60
C VAL D 8 0.18 5.42 3.14
N ILE D 9 -1.02 5.13 2.65
CA ILE D 9 -1.45 5.53 1.30
C ILE D 9 -2.76 6.27 1.45
N LEU D 10 -2.77 7.55 1.08
CA LEU D 10 -3.98 8.37 1.13
C LEU D 10 -4.31 8.90 -0.25
N VAL D 11 -5.61 8.92 -0.54
CA VAL D 11 -6.18 9.77 -1.59
C VAL D 11 -7.18 10.70 -0.90
N GLY D 12 -6.92 12.00 -0.96
CA GLY D 12 -7.88 12.92 -0.39
C GLY D 12 -7.71 14.34 -0.91
N ASN D 13 -8.43 15.27 -0.28
CA ASN D 13 -8.46 16.67 -0.69
C ASN D 13 -7.74 17.53 0.34
N VAL D 14 -6.81 18.36 -0.13
CA VAL D 14 -6.13 19.33 0.71
C VAL D 14 -7.16 20.20 1.43
N GLY D 15 -6.89 20.51 2.69
CA GLY D 15 -7.84 21.25 3.49
C GLY D 15 -7.68 22.75 3.37
N GLY D 16 -6.47 23.20 3.09
CA GLY D 16 -6.23 24.63 2.96
C GLY D 16 -4.99 24.84 2.13
N ASP D 17 -4.67 26.11 1.90
CA ASP D 17 -3.47 26.43 1.15
C ASP D 17 -2.25 25.84 1.86
N PRO D 18 -1.30 25.27 1.13
CA PRO D 18 -0.15 24.66 1.80
C PRO D 18 0.66 25.70 2.55
N GLU D 19 1.23 25.26 3.69
CA GLU D 19 2.18 26.05 4.45
C GLU D 19 3.57 25.52 4.14
N THR D 20 4.36 26.30 3.40
CA THR D 20 5.74 25.95 3.16
C THR D 20 6.65 26.79 4.05
N ARG D 21 7.64 26.15 4.65
CA ARG D 21 8.65 26.83 5.45
C ARG D 21 9.98 26.18 5.13
N TYR D 22 11.04 26.72 5.72
CA TYR D 22 12.37 26.22 5.47
C TYR D 22 13.10 26.00 6.78
N MET D 23 13.96 25.01 6.79
CA MET D 23 14.76 24.70 7.94
C MET D 23 16.11 25.42 7.84
N PRO D 24 16.79 25.63 8.97
CA PRO D 24 18.11 26.28 8.94
C PRO D 24 18.98 25.79 7.79
N ASN D 25 19.03 24.48 7.57
CA ASN D 25 19.82 23.91 6.48
C ASN D 25 19.21 24.14 5.11
N GLY D 26 18.13 24.91 5.00
CA GLY D 26 17.60 25.32 3.73
C GLY D 26 16.57 24.40 3.11
N ASN D 27 16.46 23.15 3.56
CA ASN D 27 15.50 22.24 2.96
C ASN D 27 14.07 22.73 3.20
N ALA D 28 13.17 22.28 2.33
CA ALA D 28 11.79 22.71 2.35
C ALA D 28 10.94 21.78 3.20
N VAL D 29 9.99 22.36 3.92
CA VAL D 29 9.01 21.61 4.68
C VAL D 29 7.64 22.19 4.37
N THR D 30 6.73 21.35 3.89
CA THR D 30 5.38 21.77 3.55
C THR D 30 4.38 20.99 4.39
N ASN D 31 3.47 21.69 5.04
CA ASN D 31 2.42 21.09 5.84
C ASN D 31 1.08 21.24 5.14
N ILE D 32 0.27 20.19 5.18
CA ILE D 32 -1.11 20.27 4.71
C ILE D 32 -1.97 19.40 5.61
N THR D 33 -3.27 19.59 5.52
CA THR D 33 -4.22 18.64 6.05
C THR D 33 -4.95 18.04 4.86
N LEU D 34 -5.25 16.76 4.96
CA LEU D 34 -5.83 15.99 3.88
C LEU D 34 -7.07 15.33 4.43
N ALA D 35 -8.21 15.51 3.74
CA ALA D 35 -9.45 14.88 4.14
C ALA D 35 -9.67 13.63 3.29
N THR D 36 -10.02 12.53 3.95
CA THR D 36 -10.50 11.33 3.30
C THR D 36 -11.85 11.00 3.91
N SER D 37 -12.82 10.66 3.08
CA SER D 37 -14.17 10.46 3.54
C SER D 37 -14.67 9.12 3.02
N GLU D 38 -15.53 8.49 3.80
CA GLU D 38 -16.18 7.24 3.40
C GLU D 38 -17.69 7.40 3.42
N SER D 39 -18.36 6.72 2.50
CA SER D 39 -19.83 6.70 2.46
C SER D 39 -20.37 5.95 3.68
N GLN D 49 -24.58 7.57 4.94
CA GLN D 49 -23.96 8.54 5.84
C GLN D 49 -22.47 8.70 5.52
N GLU D 50 -21.88 9.84 5.89
CA GLU D 50 -20.51 10.19 5.51
C GLU D 50 -19.70 10.54 6.74
N ARG D 51 -18.49 9.97 6.83
CA ARG D 51 -17.53 10.26 7.89
C ARG D 51 -16.22 10.69 7.26
N THR D 52 -15.54 11.66 7.87
CA THR D 52 -14.34 12.25 7.29
C THR D 52 -13.18 12.20 8.29
N GLU D 53 -12.06 11.61 7.86
CA GLU D 53 -10.81 11.62 8.60
C GLU D 53 -9.95 12.76 8.11
N TRP D 54 -9.38 13.50 9.05
CA TRP D 54 -8.44 14.56 8.74
C TRP D 54 -7.05 14.06 9.06
N HIS D 55 -6.14 14.19 8.08
CA HIS D 55 -4.78 13.69 8.23
C HIS D 55 -3.83 14.88 8.23
N ARG D 56 -2.82 14.82 9.11
CA ARG D 56 -1.75 15.81 9.13
C ARG D 56 -0.61 15.26 8.29
N VAL D 57 -0.36 15.89 7.14
CA VAL D 57 0.65 15.44 6.19
C VAL D 57 1.77 16.46 6.17
N VAL D 58 3.01 15.98 6.15
CA VAL D 58 4.19 16.83 6.17
C VAL D 58 5.13 16.37 5.08
N PHE D 59 5.43 17.24 4.13
CA PHE D 59 6.34 16.94 3.03
C PHE D 59 7.73 17.47 3.32
N PHE D 60 8.73 16.74 2.85
CA PHE D 60 10.12 17.08 3.08
C PHE D 60 10.90 17.05 1.77
N GLY D 61 11.77 18.05 1.59
CA GLY D 61 12.69 18.00 0.48
C GLY D 61 12.01 18.36 -0.82
N ARG D 62 12.30 17.58 -1.85
CA ARG D 62 11.82 17.89 -3.19
C ARG D 62 10.29 17.85 -3.25
N LEU D 63 9.69 16.75 -2.76
CA LEU D 63 8.24 16.69 -2.71
C LEU D 63 7.66 17.83 -1.89
N ALA D 64 8.46 18.44 -1.02
CA ALA D 64 7.99 19.58 -0.24
C ALA D 64 7.85 20.82 -1.11
N GLU D 65 8.81 21.03 -2.02
CA GLU D 65 8.73 22.14 -2.97
C GLU D 65 7.56 21.92 -3.93
N ILE D 66 7.50 20.75 -4.56
CA ILE D 66 6.41 20.45 -5.46
C ILE D 66 5.07 20.69 -4.78
N ALA D 67 4.90 20.15 -3.56
CA ALA D 67 3.63 20.28 -2.87
C ALA D 67 3.26 21.74 -2.63
N GLY D 68 4.22 22.54 -2.14
CA GLY D 68 3.96 23.96 -1.99
C GLY D 68 3.68 24.64 -3.31
N GLU D 69 4.34 24.20 -4.38
CA GLU D 69 4.20 24.82 -5.69
C GLU D 69 2.82 24.56 -6.30
N TYR D 70 2.38 23.30 -6.31
CA TYR D 70 1.22 22.92 -7.10
C TYR D 70 -0.05 22.64 -6.30
N LEU D 71 0.04 22.37 -5.01
CA LEU D 71 -1.18 22.06 -4.26
C LEU D 71 -1.87 23.33 -3.81
N ARG D 72 -3.20 23.31 -3.84
CA ARG D 72 -4.03 24.40 -3.32
C ARG D 72 -5.17 23.80 -2.52
N LYS D 73 -5.94 24.66 -1.84
CA LYS D 73 -6.95 24.17 -0.91
C LYS D 73 -7.90 23.14 -1.52
N GLY D 74 -8.09 23.13 -2.84
CA GLY D 74 -9.05 22.13 -3.31
C GLY D 74 -8.47 20.77 -3.71
N SER D 75 -7.18 20.73 -3.97
CA SER D 75 -6.58 19.68 -4.79
C SER D 75 -6.83 18.29 -4.21
N GLN D 76 -7.20 17.35 -5.09
CA GLN D 76 -7.16 15.94 -4.77
C GLN D 76 -5.76 15.42 -5.03
N VAL D 77 -5.21 14.67 -4.07
CA VAL D 77 -3.81 14.27 -4.12
C VAL D 77 -3.68 12.83 -3.62
N TYR D 78 -2.70 12.13 -4.19
CA TYR D 78 -2.28 10.82 -3.71
C TYR D 78 -1.02 11.01 -2.90
N VAL D 79 -0.99 10.44 -1.71
CA VAL D 79 0.12 10.58 -0.80
C VAL D 79 0.53 9.19 -0.35
N GLU D 80 1.82 8.93 -0.38
CA GLU D 80 2.40 7.72 0.16
C GLU D 80 3.48 8.15 1.15
N GLY D 81 3.35 7.74 2.40
CA GLY D 81 4.31 8.18 3.38
C GLY D 81 4.50 7.20 4.51
N SER D 82 4.99 7.68 5.64
CA SER D 82 5.13 6.87 6.84
C SER D 82 4.53 7.60 8.02
N LEU D 83 4.01 6.84 8.98
CA LEU D 83 3.50 7.42 10.21
C LEU D 83 4.65 7.78 11.14
N ARG D 84 4.52 8.94 11.78
CA ARG D 84 5.52 9.41 12.74
C ARG D 84 4.79 10.20 13.82
N THR D 85 4.77 9.67 15.04
CA THR D 85 4.15 10.37 16.16
C THR D 85 5.23 11.19 16.84
N ARG D 86 5.13 12.51 16.76
CA ARG D 86 6.11 13.35 17.42
C ARG D 86 5.50 13.94 18.68
N LYS D 87 6.35 14.16 19.67
CA LYS D 87 5.95 14.69 20.97
C LYS D 87 6.29 16.17 21.03
N TRP D 88 5.37 16.95 21.60
CA TRP D 88 5.60 18.37 21.80
C TRP D 88 5.00 18.75 23.15
N GLN D 89 5.35 19.95 23.62
CA GLN D 89 4.91 20.44 24.92
C GLN D 89 3.96 21.61 24.74
N GLY D 90 2.85 21.58 25.50
CA GLY D 90 1.88 22.66 25.46
C GLY D 90 2.26 23.81 26.37
N GLN D 91 1.35 24.80 26.41
CA GLN D 91 1.60 26.02 27.19
C GLN D 91 1.87 25.73 28.67
N ASP D 92 1.28 24.67 29.20
CA ASP D 92 1.33 24.35 30.62
C ASP D 92 2.27 23.19 30.93
N GLY D 93 3.30 22.99 30.11
CA GLY D 93 4.25 21.92 30.35
C GLY D 93 3.66 20.53 30.34
N GLN D 94 2.54 20.35 29.63
CA GLN D 94 1.90 19.03 29.48
C GLN D 94 2.26 18.41 28.14
N ASP D 95 2.43 17.09 28.15
CA ASP D 95 2.77 16.36 26.94
C ASP D 95 1.64 16.40 25.93
N ARG D 96 2.01 16.52 24.66
CA ARG D 96 1.08 16.37 23.54
C ARG D 96 1.78 15.57 22.47
N TYR D 97 0.99 14.80 21.71
CA TYR D 97 1.51 13.97 20.62
C TYR D 97 0.67 14.24 19.39
N THR D 98 1.33 14.32 18.24
CA THR D 98 0.64 14.46 16.96
C THR D 98 1.22 13.43 16.00
N THR D 99 0.33 12.61 15.45
CA THR D 99 0.72 11.56 14.52
C THR D 99 0.58 12.14 13.11
N GLU D 100 1.70 12.21 12.40
CA GLU D 100 1.78 12.82 11.09
C GLU D 100 2.14 11.78 10.05
N ILE D 101 1.65 11.98 8.83
CA ILE D 101 2.07 11.17 7.68
C ILE D 101 3.24 11.89 7.05
N VAL D 102 4.43 11.30 7.10
CA VAL D 102 5.64 11.94 6.63
C VAL D 102 5.93 11.47 5.21
N VAL D 103 6.09 12.41 4.29
CA VAL D 103 6.28 12.15 2.86
C VAL D 103 7.65 12.69 2.48
N ASP D 104 8.62 11.81 2.29
CA ASP D 104 9.95 12.27 1.88
C ASP D 104 10.44 11.40 0.72
N ILE D 105 11.76 11.25 0.58
CA ILE D 105 12.31 10.55 -0.57
C ILE D 105 11.76 9.13 -0.72
N ASN D 106 11.39 8.51 0.40
CA ASN D 106 10.89 7.14 0.37
C ASN D 106 9.39 7.06 0.12
N GLY D 107 8.71 8.20 0.07
CA GLY D 107 7.27 8.25 -0.20
C GLY D 107 6.96 8.60 -1.63
N ASN D 108 5.87 9.34 -1.82
CA ASN D 108 5.37 9.66 -3.15
C ASN D 108 4.18 10.58 -2.99
N MET D 109 4.02 11.47 -3.96
CA MET D 109 2.87 12.36 -4.01
C MET D 109 2.52 12.53 -5.48
N GLN D 110 1.23 12.45 -5.80
CA GLN D 110 0.78 12.66 -7.17
C GLN D 110 -0.45 13.53 -7.16
N LEU D 111 -0.36 14.71 -7.78
CA LEU D 111 -1.55 15.53 -7.96
C LEU D 111 -2.48 14.87 -8.96
N LEU D 112 -3.74 14.70 -8.56
CA LEU D 112 -4.72 13.97 -9.35
C LEU D 112 -5.67 14.93 -10.08
N GLY D 113 -6.44 14.38 -11.01
CA GLY D 113 -7.37 15.17 -11.81
C GLY D 113 -7.47 14.75 -13.26
#